data_1VOP
#
_entry.id   1VOP
#
_cell.length_a   1.000
_cell.length_b   1.000
_cell.length_c   1.000
_cell.angle_alpha   90.00
_cell.angle_beta   90.00
_cell.angle_gamma   90.00
#
_symmetry.space_group_name_H-M   'P 1'
#
_entity_poly.entity_id   1
_entity_poly.type   'polyribonucleotide'
_entity_poly.pdbx_seq_one_letter_code
;GACUGGGGCGGUC
;
_entity_poly.pdbx_strand_id   A
#
loop_
_chem_comp.id
_chem_comp.type
_chem_comp.name
_chem_comp.formula
A RNA linking ADENOSINE-5'-MONOPHOSPHATE 'C10 H14 N5 O7 P'
C RNA linking CYTIDINE-5'-MONOPHOSPHATE 'C9 H14 N3 O8 P'
G RNA linking GUANOSINE-5'-MONOPHOSPHATE 'C10 H14 N5 O8 P'
U RNA linking URIDINE-5'-MONOPHOSPHATE 'C9 H13 N2 O9 P'
#